data_9H4Z
#
_entry.id   9H4Z
#
_cell.length_a   62.01
_cell.length_b   69.72
_cell.length_c   115.19
_cell.angle_alpha   90
_cell.angle_beta   90
_cell.angle_gamma   90
#
_symmetry.space_group_name_H-M   'P 21 21 21'
#
loop_
_entity.id
_entity.type
_entity.pdbx_description
1 polymer 'Nicotinamide N-methyltransferase'
2 non-polymer 8-methoxychromen-4-one
3 non-polymer S-ADENOSYLMETHIONINE
4 water water
#
_entity_poly.entity_id   1
_entity_poly.type   'polypeptide(L)'
_entity_poly.pdbx_seq_one_letter_code
;HNHNHNHNHNHNAAAENLYFQSGFTSKDTYLSHFNPRDYLEKYYKFGSRHSAESQILKHLLKNLFKIFCLDGVKGDLLID
IGSGPTIYQLLSACESFKEIVVTDYSDQNLQELEKWLKAAPAAFDWSPVVTYVCDLEGNRVKGPEKEEKLRQAVKQVLKC
DVTQSQPLGAVPLPPADCVLSTLCLDAACPDLPTYCRALRNLGSLLKPGGFLVIMDALKSSYYMIGEQKFSSLPLGREAV
EAAVKEAGYTIEWFEVISQSYSSTMANNEGLFSLVARKLS
;
_entity_poly.pdbx_strand_id   B,D
#
loop_
_chem_comp.id
_chem_comp.type
_chem_comp.name
_chem_comp.formula
A1ISI non-polymer 8-methoxychromen-4-one 'C10 H8 O3'
SAM non-polymer S-ADENOSYLMETHIONINE 'C15 H22 N6 O5 S'
#
# COMPACT_ATOMS: atom_id res chain seq x y z
N PHE A 24 30.34 11.67 -7.33
CA PHE A 24 28.90 11.68 -7.62
C PHE A 24 28.62 12.57 -8.84
N THR A 25 27.70 12.13 -9.73
CA THR A 25 27.26 12.85 -10.94
C THR A 25 27.03 14.35 -10.62
N SER A 26 27.68 15.24 -11.38
CA SER A 26 27.46 16.67 -11.15
C SER A 26 26.08 17.09 -11.68
N LYS A 27 25.42 18.10 -11.08
CA LYS A 27 24.07 18.42 -11.58
C LYS A 27 24.08 18.94 -13.02
N ASP A 28 25.17 19.58 -13.47
CA ASP A 28 25.24 20.02 -14.85
C ASP A 28 25.15 18.84 -15.83
N THR A 29 25.50 17.61 -15.39
CA THR A 29 25.38 16.41 -16.25
C THR A 29 23.90 16.17 -16.61
N TYR A 30 22.96 16.56 -15.73
CA TYR A 30 21.55 16.38 -16.04
C TYR A 30 21.09 17.33 -17.13
N LEU A 31 21.74 18.50 -17.27
CA LEU A 31 21.31 19.43 -18.31
C LEU A 31 21.66 18.93 -19.71
N SER A 32 22.82 18.30 -19.80
CA SER A 32 23.42 17.93 -21.05
C SER A 32 23.37 16.47 -21.44
N HIS A 33 23.39 15.54 -20.43
CA HIS A 33 23.58 14.12 -20.74
C HIS A 33 22.40 13.22 -20.39
N PHE A 34 21.36 13.79 -19.76
CA PHE A 34 20.17 13.00 -19.45
C PHE A 34 19.27 13.17 -20.67
N ASN A 35 19.14 12.09 -21.48
CA ASN A 35 18.36 12.10 -22.71
C ASN A 35 16.91 11.74 -22.37
N PRO A 36 15.97 12.71 -22.43
CA PRO A 36 14.59 12.42 -21.97
C PRO A 36 13.89 11.32 -22.75
N ARG A 37 14.04 11.31 -24.08
CA ARG A 37 13.37 10.28 -24.87
C ARG A 37 13.97 8.91 -24.65
N ASP A 38 15.29 8.84 -24.44
CA ASP A 38 15.95 7.57 -24.15
C ASP A 38 15.50 7.06 -22.78
N TYR A 39 15.37 7.96 -21.80
CA TYR A 39 14.90 7.58 -20.47
C TYR A 39 13.49 6.96 -20.55
N LEU A 40 12.59 7.60 -21.31
CA LEU A 40 11.20 7.11 -21.46
C LEU A 40 11.16 5.77 -22.15
N GLU A 41 12.00 5.60 -23.19
CA GLU A 41 12.09 4.34 -23.91
C GLU A 41 12.60 3.20 -23.02
N LYS A 42 13.60 3.50 -22.17
CA LYS A 42 14.20 2.48 -21.30
C LYS A 42 13.32 2.10 -20.12
N TYR A 43 12.62 3.07 -19.52
CA TYR A 43 11.89 2.78 -18.29
C TYR A 43 10.36 2.78 -18.37
N TYR A 44 9.77 3.44 -19.38
CA TYR A 44 8.33 3.65 -19.40
C TYR A 44 7.57 3.24 -20.66
N LYS A 45 8.17 2.40 -21.51
CA LYS A 45 7.49 1.95 -22.72
C LYS A 45 6.21 1.15 -22.41
N PHE A 46 6.27 0.34 -21.32
CA PHE A 46 5.16 -0.47 -20.80
C PHE A 46 4.59 -1.43 -21.85
N GLY A 47 5.50 -2.14 -22.54
CA GLY A 47 5.18 -3.10 -23.59
C GLY A 47 4.42 -4.32 -23.09
N HIS A 50 6.48 -8.55 -19.86
CA HIS A 50 6.49 -8.56 -18.40
C HIS A 50 7.90 -8.25 -17.82
N SER A 51 8.35 -6.98 -17.93
CA SER A 51 9.67 -6.57 -17.48
C SER A 51 9.67 -6.07 -16.03
N ALA A 52 10.85 -6.05 -15.39
CA ALA A 52 10.97 -5.51 -14.02
C ALA A 52 10.53 -4.04 -14.02
N GLU A 53 10.88 -3.30 -15.11
CA GLU A 53 10.55 -1.88 -15.22
C GLU A 53 9.04 -1.69 -15.23
N SER A 54 8.29 -2.57 -15.97
CA SER A 54 6.83 -2.44 -16.04
C SER A 54 6.18 -2.87 -14.74
N GLN A 55 6.79 -3.83 -14.02
CA GLN A 55 6.27 -4.26 -12.71
C GLN A 55 6.40 -3.14 -11.68
N ILE A 56 7.53 -2.40 -11.72
CA ILE A 56 7.74 -1.27 -10.83
C ILE A 56 6.74 -0.19 -11.16
N LEU A 57 6.56 0.11 -12.46
CA LEU A 57 5.60 1.15 -12.88
C LEU A 57 4.19 0.84 -12.37
N LYS A 58 3.76 -0.43 -12.49
CA LYS A 58 2.44 -0.83 -12.01
C LYS A 58 2.32 -0.60 -10.51
N HIS A 59 3.36 -0.97 -9.76
CA HIS A 59 3.30 -0.76 -8.32
C HIS A 59 3.20 0.73 -7.95
N LEU A 60 4.01 1.58 -8.62
CA LEU A 60 3.98 3.03 -8.40
C LEU A 60 2.57 3.59 -8.66
N LEU A 61 1.95 3.17 -9.76
CA LEU A 61 0.60 3.60 -10.15
C LEU A 61 -0.45 3.19 -9.14
N LYS A 62 -0.34 1.97 -8.61
CA LYS A 62 -1.29 1.51 -7.59
C LYS A 62 -1.16 2.35 -6.31
N ASN A 63 0.09 2.68 -5.91
CA ASN A 63 0.30 3.49 -4.70
C ASN A 63 -0.19 4.90 -4.89
N LEU A 64 0.06 5.49 -6.07
CA LEU A 64 -0.40 6.86 -6.34
C LEU A 64 -1.92 6.92 -6.37
N PHE A 65 -2.58 5.88 -6.93
CA PHE A 65 -4.04 5.78 -6.92
C PHE A 65 -4.53 5.70 -5.47
N LYS A 66 -3.88 4.85 -4.67
CA LYS A 66 -4.27 4.77 -3.27
C LYS A 66 -4.18 6.13 -2.55
N ILE A 67 -3.07 6.85 -2.73
CA ILE A 67 -2.86 8.13 -2.06
C ILE A 67 -3.86 9.21 -2.47
N PHE A 68 -3.96 9.44 -3.78
CA PHE A 68 -4.76 10.57 -4.24
C PHE A 68 -6.22 10.26 -4.44
N CYS A 69 -6.55 8.99 -4.68
CA CYS A 69 -7.97 8.72 -4.89
C CYS A 69 -8.65 8.08 -3.67
N LEU A 70 -7.99 7.15 -3.01
CA LEU A 70 -8.60 6.45 -1.87
C LEU A 70 -8.37 7.15 -0.54
N ASP A 71 -7.13 7.60 -0.30
CA ASP A 71 -6.74 8.29 0.92
C ASP A 71 -7.16 9.75 0.90
N GLY A 72 -7.61 10.21 -0.25
CA GLY A 72 -8.09 11.58 -0.47
C GLY A 72 -7.10 12.71 -0.26
N VAL A 73 -5.77 12.47 -0.53
CA VAL A 73 -4.76 13.54 -0.48
C VAL A 73 -5.21 14.44 -1.64
N LYS A 74 -5.59 15.67 -1.29
CA LYS A 74 -6.23 16.59 -2.21
C LYS A 74 -5.90 18.02 -1.86
N GLY A 75 -6.30 18.92 -2.73
CA GLY A 75 -6.08 20.33 -2.45
C GLY A 75 -6.11 21.19 -3.69
N ASP A 76 -5.74 22.44 -3.50
CA ASP A 76 -5.69 23.41 -4.58
C ASP A 76 -4.43 23.24 -5.40
N LEU A 77 -3.31 22.85 -4.75
CA LEU A 77 -2.03 22.80 -5.43
C LEU A 77 -1.16 21.65 -5.01
N LEU A 78 -0.63 20.93 -6.01
CA LEU A 78 0.35 19.88 -5.82
C LEU A 78 1.57 20.32 -6.61
N ILE A 79 2.76 20.22 -6.00
CA ILE A 79 4.00 20.47 -6.70
C ILE A 79 4.70 19.12 -6.90
N ASP A 80 5.01 18.74 -8.17
CA ASP A 80 5.76 17.52 -8.47
C ASP A 80 7.22 17.94 -8.69
N ILE A 81 8.11 17.40 -7.86
CA ILE A 81 9.52 17.78 -7.80
C ILE A 81 10.36 16.74 -8.52
N GLY A 82 11.18 17.17 -9.48
CA GLY A 82 12.01 16.23 -10.25
C GLY A 82 11.20 15.32 -11.15
N SER A 83 10.18 15.90 -11.81
CA SER A 83 9.26 15.19 -12.70
C SER A 83 9.96 14.48 -13.86
N GLY A 84 11.11 14.99 -14.24
CA GLY A 84 11.79 14.50 -15.43
C GLY A 84 10.87 14.71 -16.61
N PRO A 85 10.89 13.80 -17.58
CA PRO A 85 9.97 13.94 -18.72
C PRO A 85 8.71 13.09 -18.52
N THR A 86 8.41 12.68 -17.28
CA THR A 86 7.29 11.76 -17.06
C THR A 86 6.02 12.41 -16.56
N ILE A 87 4.86 11.79 -16.88
CA ILE A 87 3.54 12.26 -16.42
C ILE A 87 2.80 11.18 -15.65
N TYR A 88 3.31 9.93 -15.62
CA TYR A 88 2.59 8.82 -14.97
C TYR A 88 2.24 9.13 -13.53
N GLN A 89 3.15 9.85 -12.82
CA GLN A 89 2.99 10.15 -11.40
C GLN A 89 1.91 11.19 -11.14
N LEU A 90 1.29 11.74 -12.20
CA LEU A 90 0.27 12.79 -12.05
C LEU A 90 -1.14 12.35 -12.44
N LEU A 91 -1.26 11.14 -13.00
CA LEU A 91 -2.52 10.67 -13.54
C LEU A 91 -3.63 10.52 -12.49
N SER A 92 -3.32 9.99 -11.31
CA SER A 92 -4.34 9.94 -10.27
C SER A 92 -4.45 11.31 -9.57
N ALA A 93 -3.31 12.00 -9.38
CA ALA A 93 -3.28 13.30 -8.70
C ALA A 93 -4.18 14.36 -9.36
N CYS A 94 -4.32 14.33 -10.69
CA CYS A 94 -5.16 15.32 -11.38
C CYS A 94 -6.67 15.20 -11.04
N GLU A 95 -7.07 14.09 -10.40
CA GLU A 95 -8.46 13.94 -9.96
C GLU A 95 -8.69 14.70 -8.67
N SER A 96 -7.61 14.97 -7.91
CA SER A 96 -7.72 15.53 -6.56
C SER A 96 -7.15 16.92 -6.39
N PHE A 97 -6.44 17.45 -7.41
CA PHE A 97 -5.83 18.76 -7.29
C PHE A 97 -6.28 19.65 -8.42
N LYS A 98 -6.69 20.90 -8.08
CA LYS A 98 -7.12 21.88 -9.09
C LYS A 98 -5.93 22.23 -10.00
N GLU A 99 -4.75 22.42 -9.40
CA GLU A 99 -3.52 22.81 -10.10
C GLU A 99 -2.38 21.89 -9.71
N ILE A 100 -1.57 21.54 -10.73
CA ILE A 100 -0.36 20.76 -10.57
C ILE A 100 0.75 21.56 -11.19
N VAL A 101 1.85 21.73 -10.46
CA VAL A 101 3.02 22.42 -10.99
C VAL A 101 4.07 21.31 -11.17
N VAL A 102 4.63 21.19 -12.39
CA VAL A 102 5.66 20.19 -12.68
C VAL A 102 7.00 20.89 -12.74
N THR A 103 8.02 20.26 -12.16
CA THR A 103 9.34 20.88 -12.05
C THR A 103 10.47 19.89 -12.29
N ASP A 104 11.62 20.39 -12.75
CA ASP A 104 12.78 19.54 -12.91
C ASP A 104 14.03 20.41 -13.03
N TYR A 105 15.21 19.81 -12.76
CA TYR A 105 16.46 20.53 -12.95
C TYR A 105 16.79 20.67 -14.43
N SER A 106 16.37 19.70 -15.26
CA SER A 106 16.70 19.67 -16.69
C SER A 106 15.71 20.40 -17.57
N ASP A 107 16.21 21.38 -18.37
CA ASP A 107 15.36 22.09 -19.32
C ASP A 107 14.89 21.15 -20.45
N GLN A 108 15.76 20.20 -20.88
CA GLN A 108 15.41 19.22 -21.91
C GLN A 108 14.24 18.35 -21.41
N ASN A 109 14.25 18.01 -20.10
CA ASN A 109 13.18 17.18 -19.54
C ASN A 109 11.85 17.93 -19.58
N LEU A 110 11.88 19.21 -19.19
CA LEU A 110 10.70 20.07 -19.22
C LEU A 110 10.16 20.27 -20.64
N GLN A 111 11.06 20.36 -21.64
CA GLN A 111 10.62 20.49 -23.03
C GLN A 111 9.90 19.22 -23.52
N GLU A 112 10.37 18.04 -23.08
CA GLU A 112 9.76 16.75 -23.42
C GLU A 112 8.35 16.65 -22.78
N LEU A 113 8.23 17.09 -21.51
CA LEU A 113 6.94 17.15 -20.80
C LEU A 113 5.99 18.05 -21.57
N GLU A 114 6.47 19.26 -21.97
CA GLU A 114 5.68 20.24 -22.70
C GLU A 114 5.18 19.72 -24.02
N LYS A 115 5.96 18.83 -24.70
CA LYS A 115 5.49 18.21 -25.95
C LYS A 115 4.23 17.41 -25.66
N TRP A 116 4.20 16.67 -24.54
CA TRP A 116 3.01 15.90 -24.20
C TRP A 116 1.85 16.82 -23.77
N LEU A 117 2.13 17.83 -22.91
CA LEU A 117 1.11 18.78 -22.42
C LEU A 117 0.43 19.49 -23.59
N LYS A 118 1.21 19.93 -24.58
CA LYS A 118 0.70 20.65 -25.77
C LYS A 118 0.13 19.72 -26.84
N ALA A 119 0.22 18.39 -26.64
CA ALA A 119 -0.22 17.36 -27.60
C ALA A 119 0.52 17.55 -28.93
N ALA A 120 1.85 17.81 -28.84
CA ALA A 120 2.71 18.00 -30.00
C ALA A 120 2.93 16.64 -30.69
N PRO A 121 3.17 16.61 -32.01
CA PRO A 121 3.34 15.31 -32.71
C PRO A 121 4.41 14.37 -32.16
N ALA A 122 5.57 14.90 -31.69
CA ALA A 122 6.69 14.10 -31.17
C ALA A 122 6.54 13.68 -29.70
N ALA A 123 5.36 13.94 -29.10
CA ALA A 123 5.11 13.59 -27.71
C ALA A 123 5.17 12.08 -27.49
N PHE A 124 5.65 11.66 -26.34
CA PHE A 124 5.71 10.24 -25.99
C PHE A 124 4.28 9.67 -25.86
N ASP A 125 4.12 8.39 -26.24
CA ASP A 125 2.83 7.72 -26.14
C ASP A 125 2.63 7.13 -24.76
N TRP A 126 1.83 7.83 -23.92
CA TRP A 126 1.50 7.41 -22.57
C TRP A 126 0.19 6.62 -22.51
N SER A 127 -0.50 6.44 -23.66
CA SER A 127 -1.82 5.77 -23.70
C SER A 127 -1.89 4.39 -22.97
N PRO A 128 -0.88 3.46 -22.99
CA PRO A 128 -1.05 2.21 -22.22
C PRO A 128 -1.06 2.46 -20.70
N VAL A 129 -0.30 3.45 -20.23
CA VAL A 129 -0.22 3.81 -18.81
C VAL A 129 -1.54 4.49 -18.41
N VAL A 130 -2.04 5.42 -19.25
CA VAL A 130 -3.31 6.14 -19.02
C VAL A 130 -4.47 5.14 -18.91
N THR A 131 -4.53 4.15 -19.83
CA THR A 131 -5.57 3.12 -19.81
C THR A 131 -5.49 2.32 -18.51
N TYR A 132 -4.27 1.97 -18.08
CA TYR A 132 -4.05 1.23 -16.84
C TYR A 132 -4.60 2.00 -15.63
N VAL A 133 -4.38 3.32 -15.57
CA VAL A 133 -4.90 4.14 -14.46
C VAL A 133 -6.42 4.22 -14.54
N CYS A 134 -6.98 4.35 -15.77
CA CYS A 134 -8.43 4.38 -15.92
C CYS A 134 -9.08 3.10 -15.39
N ASP A 135 -8.43 1.94 -15.63
CA ASP A 135 -8.85 0.63 -15.12
C ASP A 135 -8.79 0.59 -13.58
N LEU A 136 -7.66 1.05 -13.00
CA LEU A 136 -7.45 1.10 -11.54
C LEU A 136 -8.57 1.85 -10.87
N GLU A 137 -8.94 3.02 -11.47
CA GLU A 137 -9.93 3.96 -10.95
C GLU A 137 -11.38 3.53 -11.18
N GLY A 138 -11.58 2.32 -11.74
CA GLY A 138 -12.90 1.73 -11.93
C GLY A 138 -13.57 1.98 -13.27
N ASN A 139 -12.79 2.38 -14.30
CA ASN A 139 -13.32 2.66 -15.65
C ASN A 139 -14.48 3.69 -15.62
N ARG A 140 -14.33 4.73 -14.78
CA ARG A 140 -15.29 5.83 -14.68
C ARG A 140 -15.18 6.70 -15.92
N VAL A 141 -13.94 6.82 -16.47
CA VAL A 141 -13.61 7.60 -17.67
C VAL A 141 -12.69 6.78 -18.59
N LYS A 142 -12.57 7.20 -19.86
CA LYS A 142 -11.68 6.57 -20.84
C LYS A 142 -10.42 7.44 -20.98
N GLY A 143 -9.40 6.90 -21.65
CA GLY A 143 -8.10 7.55 -21.86
C GLY A 143 -8.12 9.01 -22.24
N PRO A 144 -8.85 9.43 -23.32
CA PRO A 144 -8.85 10.85 -23.72
C PRO A 144 -9.37 11.82 -22.66
N GLU A 145 -10.42 11.46 -21.89
CA GLU A 145 -10.95 12.31 -20.81
C GLU A 145 -9.92 12.50 -19.70
N LYS A 146 -9.24 11.41 -19.30
CA LYS A 146 -8.20 11.41 -18.28
C LYS A 146 -7.04 12.34 -18.71
N GLU A 147 -6.60 12.22 -19.96
CA GLU A 147 -5.51 13.04 -20.49
C GLU A 147 -5.87 14.52 -20.48
N GLU A 148 -7.12 14.83 -20.88
CA GLU A 148 -7.59 16.23 -20.90
C GLU A 148 -7.62 16.81 -19.49
N LYS A 149 -8.05 16.01 -18.50
CA LYS A 149 -8.09 16.46 -17.11
C LYS A 149 -6.67 16.80 -16.63
N LEU A 150 -5.67 15.97 -16.98
CA LEU A 150 -4.29 16.25 -16.60
C LEU A 150 -3.75 17.50 -17.29
N ARG A 151 -4.00 17.62 -18.59
CA ARG A 151 -3.56 18.79 -19.36
C ARG A 151 -4.13 20.09 -18.80
N GLN A 152 -5.39 20.06 -18.34
CA GLN A 152 -6.04 21.25 -17.77
C GLN A 152 -5.47 21.59 -16.39
N ALA A 153 -5.00 20.58 -15.65
CA ALA A 153 -4.45 20.79 -14.31
C ALA A 153 -3.06 21.38 -14.29
N VAL A 154 -2.24 21.10 -15.33
CA VAL A 154 -0.85 21.57 -15.38
C VAL A 154 -0.80 22.94 -16.02
N LYS A 155 -0.54 23.96 -15.19
CA LYS A 155 -0.50 25.37 -15.59
C LYS A 155 0.94 25.90 -15.69
N GLN A 156 1.85 25.38 -14.84
CA GLN A 156 3.24 25.84 -14.78
C GLN A 156 4.22 24.67 -14.89
N VAL A 157 5.32 24.91 -15.63
CA VAL A 157 6.40 23.96 -15.88
C VAL A 157 7.66 24.75 -15.51
N LEU A 158 8.29 24.39 -14.38
CA LEU A 158 9.36 25.15 -13.77
C LEU A 158 10.65 24.45 -13.51
N LYS A 159 11.74 25.22 -13.54
CA LYS A 159 13.06 24.77 -13.17
C LYS A 159 13.09 24.63 -11.64
N CYS A 160 13.74 23.57 -11.16
N CYS A 160 13.73 23.55 -11.17
CA CYS A 160 13.91 23.40 -9.73
CA CYS A 160 13.84 23.26 -9.74
C CYS A 160 15.24 22.79 -9.43
C CYS A 160 15.20 22.66 -9.38
N ASP A 161 15.74 23.02 -8.21
CA ASP A 161 16.97 22.42 -7.72
C ASP A 161 16.71 22.10 -6.24
N VAL A 162 16.49 20.79 -5.94
CA VAL A 162 16.17 20.42 -4.56
C VAL A 162 17.24 20.71 -3.51
N THR A 163 18.49 20.89 -3.96
CA THR A 163 19.60 21.14 -3.03
C THR A 163 19.64 22.56 -2.54
N GLN A 164 18.82 23.43 -3.12
CA GLN A 164 18.80 24.86 -2.75
C GLN A 164 17.71 25.16 -1.74
N SER A 165 18.00 26.09 -0.80
CA SER A 165 17.02 26.51 0.20
C SER A 165 15.69 26.94 -0.43
N GLN A 166 15.75 27.58 -1.62
CA GLN A 166 14.59 27.98 -2.41
C GLN A 166 14.66 27.10 -3.67
N PRO A 167 14.05 25.89 -3.66
CA PRO A 167 14.19 25.02 -4.84
C PRO A 167 13.68 25.63 -6.13
N LEU A 168 12.68 26.52 -6.07
CA LEU A 168 12.12 27.12 -7.27
C LEU A 168 12.77 28.45 -7.63
N GLY A 169 13.89 28.76 -6.97
CA GLY A 169 14.66 29.98 -7.23
C GLY A 169 13.89 31.26 -6.98
N ALA A 170 13.82 32.15 -7.99
CA ALA A 170 13.10 33.40 -7.83
C ALA A 170 11.59 33.29 -8.07
N VAL A 171 11.11 32.12 -8.56
CA VAL A 171 9.70 31.93 -8.88
C VAL A 171 8.85 31.72 -7.62
N PRO A 172 7.87 32.61 -7.41
CA PRO A 172 7.01 32.47 -6.24
C PRO A 172 5.81 31.55 -6.50
N LEU A 173 5.48 30.74 -5.51
CA LEU A 173 4.30 29.90 -5.62
C LEU A 173 3.54 29.96 -4.32
N PRO A 174 2.21 29.74 -4.32
CA PRO A 174 1.51 29.63 -3.04
C PRO A 174 2.00 28.40 -2.28
N PRO A 175 1.98 28.35 -0.91
CA PRO A 175 2.36 27.10 -0.22
C PRO A 175 1.46 25.98 -0.71
N ALA A 176 2.05 24.84 -1.08
CA ALA A 176 1.30 23.74 -1.64
C ALA A 176 0.60 22.89 -0.60
N ASP A 177 -0.43 22.19 -1.05
CA ASP A 177 -1.16 21.22 -0.22
C ASP A 177 -0.39 19.88 -0.21
N CYS A 178 0.39 19.60 -1.27
CA CYS A 178 1.15 18.37 -1.36
C CYS A 178 2.39 18.61 -2.22
N VAL A 179 3.50 17.99 -1.81
CA VAL A 179 4.74 17.95 -2.58
C VAL A 179 4.96 16.46 -2.87
N LEU A 180 5.13 16.12 -4.15
CA LEU A 180 5.35 14.74 -4.61
C LEU A 180 6.74 14.66 -5.24
N SER A 181 7.49 13.59 -4.97
CA SER A 181 8.78 13.44 -5.66
C SER A 181 9.04 11.95 -5.90
N THR A 182 9.05 11.53 -7.18
CA THR A 182 9.25 10.11 -7.49
C THR A 182 10.60 9.92 -8.16
N LEU A 183 11.46 9.09 -7.56
CA LEU A 183 12.77 8.68 -8.13
C LEU A 183 13.67 9.87 -8.43
N CYS A 184 13.59 10.92 -7.62
CA CYS A 184 14.41 12.11 -7.84
C CYS A 184 15.43 12.32 -6.73
N LEU A 185 15.01 12.27 -5.46
CA LEU A 185 15.91 12.65 -4.39
C LEU A 185 17.17 11.82 -4.31
N ASP A 186 17.10 10.51 -4.55
CA ASP A 186 18.32 9.71 -4.51
C ASP A 186 19.29 10.08 -5.63
N ALA A 187 18.78 10.55 -6.74
CA ALA A 187 19.66 10.96 -7.85
C ALA A 187 20.24 12.36 -7.60
N ALA A 188 19.46 13.22 -6.89
CA ALA A 188 19.86 14.61 -6.68
C ALA A 188 20.82 14.86 -5.52
N CYS A 189 20.93 13.92 -4.59
CA CYS A 189 21.63 14.14 -3.30
C CYS A 189 22.86 13.30 -3.17
N PRO A 190 24.07 13.90 -3.10
CA PRO A 190 25.30 13.08 -3.06
C PRO A 190 25.61 12.38 -1.75
N ASP A 191 25.00 12.84 -0.65
CA ASP A 191 25.21 12.23 0.65
C ASP A 191 23.96 12.41 1.51
N LEU A 192 23.94 11.73 2.67
CA LEU A 192 22.82 11.75 3.61
C LEU A 192 22.55 13.16 4.16
N PRO A 193 23.55 13.99 4.59
CA PRO A 193 23.23 15.36 5.02
C PRO A 193 22.51 16.17 3.91
N THR A 194 22.93 16.01 2.63
CA THR A 194 22.24 16.73 1.55
C THR A 194 20.80 16.21 1.39
N TYR A 195 20.59 14.89 1.55
CA TYR A 195 19.25 14.32 1.43
C TYR A 195 18.31 14.92 2.52
N CYS A 196 18.78 14.99 3.79
CA CYS A 196 17.99 15.60 4.85
C CYS A 196 17.72 17.06 4.54
N ARG A 197 18.77 17.76 4.07
CA ARG A 197 18.58 19.16 3.71
C ARG A 197 17.53 19.29 2.58
N ALA A 198 17.58 18.40 1.56
CA ALA A 198 16.60 18.47 0.46
C ALA A 198 15.18 18.27 0.97
N LEU A 199 14.98 17.39 1.96
CA LEU A 199 13.63 17.19 2.52
C LEU A 199 13.17 18.50 3.18
N ARG A 200 14.11 19.19 3.84
CA ARG A 200 13.77 20.49 4.45
C ARG A 200 13.43 21.52 3.39
N ASN A 201 14.19 21.53 2.28
CA ASN A 201 13.97 22.47 1.19
C ASN A 201 12.62 22.21 0.54
N LEU A 202 12.23 20.94 0.36
CA LEU A 202 10.91 20.64 -0.21
C LEU A 202 9.84 21.13 0.75
N GLY A 203 10.12 21.02 2.05
CA GLY A 203 9.20 21.44 3.10
C GLY A 203 8.90 22.91 3.03
N SER A 204 9.88 23.72 2.52
CA SER A 204 9.66 25.19 2.41
C SER A 204 8.58 25.52 1.38
N LEU A 205 8.20 24.54 0.54
CA LEU A 205 7.18 24.71 -0.51
C LEU A 205 5.82 24.29 -0.03
N LEU A 206 5.78 23.66 1.16
CA LEU A 206 4.59 23.05 1.71
C LEU A 206 3.97 23.88 2.78
N LYS A 207 2.65 23.87 2.78
CA LYS A 207 1.87 24.53 3.80
C LYS A 207 2.04 23.75 5.10
N PRO A 208 1.81 24.40 6.27
CA PRO A 208 1.88 23.65 7.54
C PRO A 208 0.83 22.54 7.49
N GLY A 209 1.22 21.34 7.91
CA GLY A 209 0.35 20.17 7.86
C GLY A 209 0.16 19.57 6.49
N GLY A 210 0.86 20.11 5.49
CA GLY A 210 0.76 19.64 4.12
C GLY A 210 1.39 18.26 3.95
N PHE A 211 1.05 17.59 2.87
CA PHE A 211 1.55 16.23 2.62
C PHE A 211 2.81 16.15 1.81
N LEU A 212 3.72 15.24 2.21
CA LEU A 212 4.93 14.94 1.44
C LEU A 212 4.79 13.48 0.96
N VAL A 213 4.89 13.26 -0.35
CA VAL A 213 4.76 11.92 -0.90
C VAL A 213 6.10 11.63 -1.62
N ILE A 214 6.84 10.60 -1.14
CA ILE A 214 8.14 10.27 -1.76
C ILE A 214 8.13 8.82 -2.18
N MET A 215 8.65 8.52 -3.38
CA MET A 215 8.82 7.12 -3.80
C MET A 215 10.20 7.07 -4.40
N ASP A 216 11.02 6.04 -4.06
CA ASP A 216 12.40 5.96 -4.64
C ASP A 216 12.96 4.61 -4.44
N ALA A 217 14.09 4.37 -5.09
CA ALA A 217 14.77 3.11 -5.00
C ALA A 217 15.53 2.96 -3.69
N LEU A 218 15.58 1.74 -3.19
CA LEU A 218 16.38 1.46 -2.00
C LEU A 218 17.72 0.86 -2.37
N LYS A 219 18.79 1.27 -1.64
CA LYS A 219 20.14 0.75 -1.70
C LYS A 219 20.68 0.71 -3.14
N SER A 220 20.33 1.74 -3.93
CA SER A 220 20.76 1.87 -5.33
C SER A 220 21.93 2.89 -5.39
N SER A 221 23.06 2.51 -6.02
CA SER A 221 24.19 3.45 -6.11
C SER A 221 24.35 4.04 -7.52
N TYR A 222 23.55 3.56 -8.48
CA TYR A 222 23.53 4.09 -9.84
C TYR A 222 22.28 3.64 -10.58
N TYR A 223 22.04 4.29 -11.72
CA TYR A 223 21.07 3.85 -12.71
C TYR A 223 21.62 4.22 -14.08
N MET A 224 21.23 3.46 -15.08
CA MET A 224 21.72 3.62 -16.46
C MET A 224 20.65 4.11 -17.39
N ILE A 225 21.05 4.91 -18.40
CA ILE A 225 20.15 5.20 -19.50
C ILE A 225 21.03 4.80 -20.71
N GLY A 226 20.88 3.58 -21.17
CA GLY A 226 21.76 3.07 -22.22
C GLY A 226 23.17 2.95 -21.64
N GLU A 227 24.16 3.55 -22.31
CA GLU A 227 25.53 3.49 -21.80
C GLU A 227 25.83 4.62 -20.79
N GLN A 228 24.88 5.56 -20.57
CA GLN A 228 25.12 6.67 -19.68
C GLN A 228 24.82 6.28 -18.25
N LYS A 229 25.82 6.39 -17.38
CA LYS A 229 25.67 6.10 -15.97
C LYS A 229 25.33 7.39 -15.21
N PHE A 230 24.44 7.27 -14.22
CA PHE A 230 24.09 8.35 -13.31
C PHE A 230 24.22 7.81 -11.91
N SER A 231 24.84 8.58 -10.99
CA SER A 231 24.94 8.16 -9.58
C SER A 231 23.58 8.17 -8.87
N SER A 232 23.51 7.40 -7.80
CA SER A 232 22.34 7.43 -6.92
C SER A 232 22.84 7.26 -5.49
N LEU A 233 22.16 7.89 -4.53
CA LEU A 233 22.51 7.76 -3.12
C LEU A 233 21.91 6.44 -2.61
N PRO A 234 22.73 5.51 -2.12
CA PRO A 234 22.20 4.22 -1.70
C PRO A 234 21.70 4.31 -0.26
N LEU A 235 20.42 4.54 -0.10
CA LEU A 235 19.83 4.60 1.24
C LEU A 235 19.00 3.40 1.51
N GLY A 236 19.04 2.94 2.76
CA GLY A 236 18.17 1.91 3.26
C GLY A 236 16.94 2.57 3.87
N ARG A 237 15.91 1.77 4.12
CA ARG A 237 14.65 2.26 4.67
C ARG A 237 14.82 2.99 6.00
N GLU A 238 15.75 2.54 6.86
CA GLU A 238 15.92 3.16 8.18
C GLU A 238 16.48 4.59 8.03
N ALA A 239 17.42 4.79 7.09
CA ALA A 239 18.00 6.10 6.90
C ALA A 239 17.00 7.08 6.28
N VAL A 240 16.13 6.59 5.38
CA VAL A 240 15.08 7.39 4.78
C VAL A 240 14.10 7.87 5.87
N GLU A 241 13.64 6.92 6.69
CA GLU A 241 12.71 7.28 7.75
C GLU A 241 13.34 8.28 8.71
N ALA A 242 14.60 8.02 9.12
CA ALA A 242 15.29 8.94 10.05
C ALA A 242 15.43 10.35 9.47
N ALA A 243 15.75 10.45 8.18
CA ALA A 243 15.90 11.76 7.56
C ALA A 243 14.58 12.53 7.49
N VAL A 244 13.46 11.82 7.21
CA VAL A 244 12.15 12.47 7.13
C VAL A 244 11.79 13.01 8.52
N LYS A 245 12.02 12.22 9.60
CA LYS A 245 11.75 12.73 10.98
C LYS A 245 12.69 13.90 11.34
N GLU A 246 13.99 13.83 10.93
CA GLU A 246 14.95 14.90 11.21
C GLU A 246 14.52 16.20 10.54
N ALA A 247 13.98 16.08 9.31
CA ALA A 247 13.58 17.21 8.47
C ALA A 247 12.25 17.86 8.90
N GLY A 248 11.59 17.35 9.96
CA GLY A 248 10.38 17.96 10.50
C GLY A 248 9.08 17.45 9.91
N TYR A 249 8.99 16.12 9.64
CA TYR A 249 7.74 15.54 9.17
C TYR A 249 7.28 14.46 10.13
N THR A 250 6.01 14.05 10.02
CA THR A 250 5.50 12.91 10.77
C THR A 250 5.00 11.90 9.73
N ILE A 251 5.45 10.63 9.80
CA ILE A 251 5.09 9.64 8.78
C ILE A 251 3.73 9.01 9.04
N GLU A 252 2.90 8.95 8.00
CA GLU A 252 1.57 8.31 8.07
C GLU A 252 1.66 6.82 7.69
N TRP A 253 2.40 6.53 6.61
CA TRP A 253 2.62 5.16 6.20
C TRP A 253 3.89 5.03 5.39
N PHE A 254 4.46 3.84 5.43
CA PHE A 254 5.74 3.58 4.78
C PHE A 254 5.67 2.15 4.24
N GLU A 255 5.95 1.97 2.94
CA GLU A 255 5.89 0.65 2.32
C GLU A 255 7.21 0.35 1.62
N VAL A 256 7.68 -0.87 1.75
CA VAL A 256 8.86 -1.34 1.01
C VAL A 256 8.41 -2.49 0.15
N ILE A 257 8.88 -2.49 -1.13
CA ILE A 257 8.65 -3.59 -2.06
C ILE A 257 9.99 -4.20 -2.39
N SER A 258 10.00 -5.51 -2.66
N SER A 258 9.99 -5.51 -2.68
CA SER A 258 11.26 -6.17 -2.96
CA SER A 258 11.23 -6.21 -2.96
C SER A 258 11.65 -6.01 -4.42
C SER A 258 11.63 -6.16 -4.44
N GLN A 259 10.66 -5.84 -5.31
CA GLN A 259 10.89 -5.79 -6.78
C GLN A 259 11.99 -4.77 -7.10
N SER A 260 13.02 -5.23 -7.85
CA SER A 260 14.12 -4.36 -8.20
C SER A 260 14.10 -4.14 -9.71
N TYR A 261 14.80 -3.12 -10.19
CA TYR A 261 14.93 -2.92 -11.62
C TYR A 261 15.74 -4.05 -12.26
N SER A 262 15.73 -4.10 -13.59
CA SER A 262 16.56 -5.08 -14.31
C SER A 262 18.04 -4.82 -13.97
N SER A 263 18.85 -5.90 -13.95
CA SER A 263 20.28 -5.85 -13.60
C SER A 263 21.10 -4.91 -14.48
N THR A 264 20.65 -4.71 -15.72
CA THR A 264 21.28 -3.83 -16.72
C THR A 264 20.93 -2.37 -16.50
N MET A 265 19.94 -2.09 -15.62
CA MET A 265 19.44 -0.75 -15.36
C MET A 265 19.97 -0.13 -14.08
N ALA A 266 19.93 -0.88 -12.98
CA ALA A 266 20.30 -0.36 -11.67
C ALA A 266 20.63 -1.52 -10.74
N ASN A 267 21.19 -1.22 -9.55
CA ASN A 267 21.59 -2.25 -8.58
C ASN A 267 20.78 -2.09 -7.27
N ASN A 268 19.51 -1.70 -7.36
CA ASN A 268 18.69 -1.47 -6.17
C ASN A 268 18.23 -2.77 -5.53
N GLU A 269 17.80 -2.65 -4.26
CA GLU A 269 17.21 -3.73 -3.47
C GLU A 269 15.82 -3.21 -3.12
N GLY A 270 14.94 -3.19 -4.11
CA GLY A 270 13.55 -2.77 -3.95
C GLY A 270 13.32 -1.28 -4.00
N LEU A 271 12.13 -0.87 -3.55
CA LEU A 271 11.74 0.53 -3.58
C LEU A 271 10.93 0.81 -2.36
N PHE A 272 10.79 2.07 -2.04
CA PHE A 272 9.91 2.45 -0.96
C PHE A 272 8.95 3.54 -1.44
N SER A 273 7.85 3.67 -0.67
CA SER A 273 6.88 4.73 -0.85
C SER A 273 6.53 5.23 0.57
N LEU A 274 6.37 6.53 0.73
CA LEU A 274 5.96 7.03 2.03
C LEU A 274 5.09 8.25 1.85
N VAL A 275 4.20 8.46 2.83
CA VAL A 275 3.37 9.65 2.94
C VAL A 275 3.62 10.20 4.33
N ALA A 276 3.95 11.49 4.40
CA ALA A 276 4.18 12.15 5.66
C ALA A 276 3.49 13.49 5.69
N ARG A 277 3.39 14.10 6.89
CA ARG A 277 2.84 15.45 7.00
C ARG A 277 3.89 16.38 7.56
N LYS A 278 3.90 17.62 7.07
CA LYS A 278 4.84 18.62 7.59
C LYS A 278 4.37 19.10 8.97
N LEU A 279 5.31 19.21 9.92
CA LEU A 279 5.00 19.73 11.29
C LEU A 279 5.16 21.24 11.34
N PHE B 24 -0.62 -15.78 29.36
N PHE B 24 -0.49 -15.32 28.89
CA PHE B 24 -1.22 -15.44 28.07
CA PHE B 24 -1.08 -15.70 27.61
C PHE B 24 -2.55 -16.15 27.97
C PHE B 24 -2.48 -16.28 27.77
N THR B 25 -3.51 -15.59 27.22
CA THR B 25 -4.88 -16.13 27.12
C THR B 25 -4.84 -17.55 26.48
N SER B 26 -5.42 -18.54 27.16
CA SER B 26 -5.45 -19.91 26.61
C SER B 26 -6.44 -20.01 25.46
N LYS B 27 -6.20 -20.91 24.48
CA LYS B 27 -7.11 -20.98 23.34
C LYS B 27 -8.55 -21.35 23.75
N ASP B 28 -8.74 -22.15 24.82
CA ASP B 28 -10.09 -22.49 25.27
C ASP B 28 -10.88 -21.23 25.67
N THR B 29 -10.20 -20.14 26.08
CA THR B 29 -10.87 -18.87 26.40
C THR B 29 -11.62 -18.31 25.17
N TYR B 30 -11.12 -18.59 23.96
CA TYR B 30 -11.78 -18.13 22.76
C TYR B 30 -13.08 -18.85 22.51
N LEU B 31 -13.19 -20.10 22.98
CA LEU B 31 -14.44 -20.84 22.76
C LEU B 31 -15.58 -20.29 23.59
N SER B 32 -15.25 -19.88 24.81
CA SER B 32 -16.22 -19.48 25.81
C SER B 32 -16.39 -18.00 26.06
N HIS B 33 -15.32 -17.20 25.91
CA HIS B 33 -15.33 -15.81 26.34
C HIS B 33 -15.23 -14.76 25.24
N PHE B 34 -15.05 -15.22 24.01
CA PHE B 34 -15.01 -14.27 22.90
C PHE B 34 -16.43 -14.18 22.37
N ASN B 35 -17.07 -13.04 22.61
CA ASN B 35 -18.47 -12.82 22.23
C ASN B 35 -18.49 -12.22 20.80
N PRO B 36 -18.96 -12.98 19.77
CA PRO B 36 -18.88 -12.48 18.38
C PRO B 36 -19.70 -11.23 18.13
N ARG B 37 -20.92 -11.19 18.68
CA ARG B 37 -21.77 -10.02 18.50
C ARG B 37 -21.16 -8.80 19.14
N ASP B 38 -20.55 -8.92 20.35
CA ASP B 38 -19.90 -7.81 21.05
C ASP B 38 -18.65 -7.33 20.29
N TYR B 39 -17.87 -8.28 19.77
CA TYR B 39 -16.67 -7.93 18.99
C TYR B 39 -17.05 -7.08 17.78
N LEU B 40 -18.11 -7.50 17.05
CA LEU B 40 -18.56 -6.80 15.85
C LEU B 40 -19.07 -5.39 16.20
N GLU B 41 -19.82 -5.29 17.30
CA GLU B 41 -20.32 -4.00 17.78
C GLU B 41 -19.18 -3.04 18.18
N LYS B 42 -18.13 -3.56 18.83
CA LYS B 42 -16.99 -2.75 19.30
C LYS B 42 -16.05 -2.30 18.20
N TYR B 43 -15.79 -3.17 17.24
CA TYR B 43 -14.79 -2.86 16.24
C TYR B 43 -15.29 -2.58 14.82
N TYR B 44 -16.50 -3.05 14.47
CA TYR B 44 -16.94 -3.04 13.06
C TYR B 44 -18.30 -2.43 12.77
N LYS B 45 -18.85 -1.64 13.68
CA LYS B 45 -20.12 -0.99 13.42
C LYS B 45 -20.01 0.01 12.25
N PHE B 46 -18.85 0.68 12.14
CA PHE B 46 -18.52 1.62 11.07
C PHE B 46 -19.50 2.79 10.94
N GLY B 47 -19.84 3.38 12.10
CA GLY B 47 -20.75 4.52 12.23
C GLY B 47 -20.15 5.84 11.75
N SER B 48 -21.01 6.87 11.60
CA SER B 48 -20.65 8.22 11.12
C SER B 48 -19.63 8.98 12.01
N ARG B 49 -19.54 8.65 13.31
CA ARG B 49 -18.62 9.26 14.27
C ARG B 49 -17.19 8.70 14.06
N HIS B 50 -16.23 9.60 13.73
CA HIS B 50 -14.82 9.38 13.36
C HIS B 50 -13.92 8.73 14.45
N SER B 51 -14.06 7.42 14.63
CA SER B 51 -13.29 6.69 15.64
C SER B 51 -11.98 6.09 15.10
N ALA B 52 -11.02 5.78 16.01
CA ALA B 52 -9.78 5.11 15.64
C ALA B 52 -10.11 3.76 15.01
N GLU B 53 -11.15 3.07 15.53
CA GLU B 53 -11.56 1.74 15.02
C GLU B 53 -12.01 1.81 13.59
N SER B 54 -12.81 2.83 13.27
CA SER B 54 -13.26 3.04 11.90
C SER B 54 -12.13 3.44 10.98
N GLN B 55 -11.14 4.22 11.47
CA GLN B 55 -9.99 4.64 10.67
C GLN B 55 -9.14 3.42 10.32
N ILE B 56 -8.97 2.50 11.29
CA ILE B 56 -8.22 1.26 11.05
C ILE B 56 -8.95 0.40 10.04
N LEU B 57 -10.29 0.27 10.19
CA LEU B 57 -11.06 -0.53 9.23
C LEU B 57 -10.90 0.02 7.80
N LYS B 58 -10.96 1.35 7.63
CA LYS B 58 -10.75 1.95 6.33
C LYS B 58 -9.37 1.61 5.77
N HIS B 59 -8.28 1.68 6.60
N HIS B 59 -8.30 1.66 6.63
CA HIS B 59 -6.95 1.31 6.08
CA HIS B 59 -6.94 1.32 6.25
C HIS B 59 -6.85 -0.16 5.70
C HIS B 59 -6.82 -0.13 5.77
N LEU B 60 -7.46 -1.05 6.50
CA LEU B 60 -7.43 -2.48 6.17
C LEU B 60 -8.10 -2.71 4.81
N LEU B 61 -9.27 -2.07 4.59
CA LEU B 61 -10.03 -2.21 3.35
C LEU B 61 -9.26 -1.67 2.17
N LYS B 62 -8.61 -0.52 2.32
CA LYS B 62 -7.82 0.02 1.21
C LYS B 62 -6.64 -0.86 0.89
N ASN B 63 -5.97 -1.44 1.92
CA ASN B 63 -4.84 -2.31 1.65
C ASN B 63 -5.28 -3.62 1.00
N LEU B 64 -6.40 -4.18 1.43
CA LEU B 64 -6.94 -5.41 0.85
C LEU B 64 -7.36 -5.17 -0.59
N PHE B 65 -7.96 -4.00 -0.88
CA PHE B 65 -8.31 -3.65 -2.25
C PHE B 65 -7.02 -3.59 -3.11
N LYS B 66 -5.94 -2.95 -2.60
CA LYS B 66 -4.68 -2.87 -3.34
C LYS B 66 -4.04 -4.24 -3.59
N ILE B 67 -4.16 -5.16 -2.64
CA ILE B 67 -3.56 -6.49 -2.78
C ILE B 67 -4.32 -7.36 -3.77
N PHE B 68 -5.65 -7.36 -3.67
CA PHE B 68 -6.48 -8.24 -4.46
C PHE B 68 -7.03 -7.65 -5.76
N CYS B 69 -7.26 -6.35 -5.85
CA CYS B 69 -7.88 -5.83 -7.06
C CYS B 69 -6.92 -5.06 -7.99
N LEU B 70 -6.87 -5.57 -9.25
CA LEU B 70 -6.16 -5.16 -10.47
C LEU B 70 -4.75 -5.78 -10.58
N ASP B 71 -4.67 -6.94 -11.30
CA ASP B 71 -3.49 -7.79 -11.56
C ASP B 71 -2.67 -8.10 -10.30
N GLY B 72 -3.36 -8.26 -9.17
CA GLY B 72 -2.73 -8.56 -7.90
C GLY B 72 -2.79 -10.03 -7.57
N VAL B 73 -3.02 -10.33 -6.29
CA VAL B 73 -3.15 -11.70 -5.82
C VAL B 73 -4.54 -12.24 -6.24
N LYS B 74 -4.55 -13.39 -6.92
CA LYS B 74 -5.76 -14.03 -7.44
C LYS B 74 -5.54 -15.53 -7.50
N GLY B 75 -6.61 -16.26 -7.79
CA GLY B 75 -6.49 -17.70 -7.92
C GLY B 75 -7.80 -18.41 -7.79
N ASP B 76 -7.72 -19.74 -7.68
CA ASP B 76 -8.88 -20.57 -7.58
C ASP B 76 -9.34 -20.63 -6.14
N LEU B 77 -8.39 -20.59 -5.18
CA LEU B 77 -8.73 -20.77 -3.77
C LEU B 77 -7.94 -19.90 -2.81
N LEU B 78 -8.68 -19.20 -1.92
CA LEU B 78 -8.12 -18.39 -0.84
C LEU B 78 -8.64 -19.03 0.47
N ILE B 79 -7.76 -19.21 1.44
CA ILE B 79 -8.16 -19.68 2.76
C ILE B 79 -7.95 -18.51 3.73
N ASP B 80 -9.03 -18.07 4.41
CA ASP B 80 -8.94 -17.01 5.43
C ASP B 80 -8.82 -17.70 6.79
N ILE B 81 -7.73 -17.41 7.50
CA ILE B 81 -7.37 -18.04 8.76
C ILE B 81 -7.69 -17.13 9.94
N GLY B 82 -8.45 -17.63 10.90
CA GLY B 82 -8.82 -16.81 12.05
C GLY B 82 -9.77 -15.69 11.69
N SER B 83 -10.76 -15.99 10.82
CA SER B 83 -11.75 -15.05 10.30
C SER B 83 -12.56 -14.39 11.40
N GLY B 84 -12.70 -15.08 12.54
CA GLY B 84 -13.59 -14.60 13.58
C GLY B 84 -14.99 -14.56 13.00
N PRO B 85 -15.80 -13.61 13.43
CA PRO B 85 -17.14 -13.48 12.85
C PRO B 85 -17.17 -12.43 11.74
N THR B 86 -16.00 -12.06 11.17
CA THR B 86 -15.97 -10.97 10.20
C THR B 86 -15.89 -11.40 8.76
N ILE B 87 -16.42 -10.54 7.85
CA ILE B 87 -16.37 -10.80 6.40
C ILE B 87 -15.68 -9.63 5.65
N TYR B 88 -15.37 -8.52 6.35
CA TYR B 88 -14.80 -7.34 5.67
C TYR B 88 -13.54 -7.67 4.90
N GLN B 89 -12.73 -8.61 5.42
CA GLN B 89 -11.43 -8.97 4.83
C GLN B 89 -11.58 -9.78 3.58
N LEU B 90 -12.83 -10.13 3.20
CA LEU B 90 -13.08 -10.97 2.01
C LEU B 90 -13.75 -10.21 0.87
N LEU B 91 -14.16 -8.95 1.13
CA LEU B 91 -14.94 -8.21 0.15
C LEU B 91 -14.22 -7.92 -1.13
N SER B 92 -12.95 -7.54 -1.06
CA SER B 92 -12.19 -7.34 -2.31
C SER B 92 -11.72 -8.69 -2.86
N ALA B 93 -11.32 -9.61 -1.96
CA ALA B 93 -10.82 -10.95 -2.35
C ALA B 93 -11.81 -11.73 -3.19
N CYS B 94 -13.13 -11.58 -2.94
CA CYS B 94 -14.15 -12.34 -3.71
C CYS B 94 -14.20 -11.93 -5.19
N GLU B 95 -13.55 -10.80 -5.58
CA GLU B 95 -13.49 -10.41 -6.98
C GLU B 95 -12.38 -11.19 -7.69
N SER B 96 -11.40 -11.72 -6.93
CA SER B 96 -10.22 -12.36 -7.50
C SER B 96 -10.07 -13.85 -7.25
N PHE B 97 -10.95 -14.43 -6.40
CA PHE B 97 -10.87 -15.85 -6.08
C PHE B 97 -12.18 -16.52 -6.35
N LYS B 98 -12.15 -17.66 -7.04
CA LYS B 98 -13.36 -18.43 -7.36
C LYS B 98 -13.96 -18.97 -6.07
N GLU B 99 -13.12 -19.48 -5.15
CA GLU B 99 -13.53 -20.08 -3.90
C GLU B 99 -12.77 -19.48 -2.72
N ILE B 100 -13.49 -19.25 -1.62
CA ILE B 100 -12.95 -18.78 -0.36
C ILE B 100 -13.38 -19.74 0.71
N VAL B 101 -12.43 -20.19 1.53
CA VAL B 101 -12.73 -21.03 2.71
C VAL B 101 -12.48 -20.14 3.94
N VAL B 102 -13.47 -20.05 4.85
CA VAL B 102 -13.33 -19.24 6.04
C VAL B 102 -13.12 -20.18 7.23
N THR B 103 -12.26 -19.80 8.16
CA THR B 103 -11.90 -20.67 9.27
C THR B 103 -11.69 -19.91 10.56
N ASP B 104 -11.92 -20.58 11.70
CA ASP B 104 -11.66 -19.97 12.99
C ASP B 104 -11.55 -21.05 14.06
N TYR B 105 -10.92 -20.69 15.20
CA TYR B 105 -10.87 -21.63 16.34
C TYR B 105 -12.22 -21.67 17.05
N SER B 106 -12.94 -20.54 17.08
CA SER B 106 -14.21 -20.46 17.84
C SER B 106 -15.45 -20.92 17.05
N ASP B 107 -16.20 -21.89 17.60
CA ASP B 107 -17.42 -22.35 16.96
C ASP B 107 -18.48 -21.26 16.94
N GLN B 108 -18.56 -20.45 18.02
CA GLN B 108 -19.50 -19.34 18.12
C GLN B 108 -19.20 -18.35 16.99
N ASN B 109 -17.91 -18.08 16.70
CA ASN B 109 -17.56 -17.17 15.62
C ASN B 109 -18.03 -17.69 14.26
N LEU B 110 -17.79 -18.97 14.01
CA LEU B 110 -18.23 -19.58 12.75
C LEU B 110 -19.76 -19.57 12.61
N GLN B 111 -20.51 -19.75 13.73
CA GLN B 111 -21.95 -19.70 13.65
C GLN B 111 -22.42 -18.26 13.29
N GLU B 112 -21.72 -17.23 13.78
CA GLU B 112 -22.06 -15.83 13.50
C GLU B 112 -21.78 -15.53 12.02
N LEU B 113 -20.66 -16.03 11.47
CA LEU B 113 -20.33 -15.90 10.05
C LEU B 113 -21.43 -16.56 9.23
N GLU B 114 -21.84 -17.80 9.60
CA GLU B 114 -22.86 -18.55 8.89
C GLU B 114 -24.18 -17.83 8.85
N LYS B 115 -24.54 -17.09 9.93
CA LYS B 115 -25.76 -16.30 9.94
C LYS B 115 -25.73 -15.28 8.80
N TRP B 116 -24.56 -14.64 8.58
CA TRP B 116 -24.45 -13.68 7.49
C TRP B 116 -24.45 -14.39 6.12
N LEU B 117 -23.69 -15.49 5.97
CA LEU B 117 -23.59 -16.23 4.71
C LEU B 117 -24.97 -16.71 4.27
N LYS B 118 -25.77 -17.22 5.22
CA LYS B 118 -27.12 -17.75 4.94
C LYS B 118 -28.19 -16.66 4.87
N ALA B 119 -27.82 -15.39 5.14
CA ALA B 119 -28.75 -14.24 5.19
C ALA B 119 -29.86 -14.54 6.23
N ALA B 120 -29.44 -15.04 7.41
CA ALA B 120 -30.36 -15.37 8.52
C ALA B 120 -30.81 -14.05 9.18
N PRO B 121 -31.98 -14.02 9.82
CA PRO B 121 -32.47 -12.76 10.41
C PRO B 121 -31.55 -12.03 11.40
N ALA B 122 -30.81 -12.77 12.23
CA ALA B 122 -29.91 -12.18 13.23
C ALA B 122 -28.52 -11.82 12.72
N ALA B 123 -28.31 -11.89 11.39
CA ALA B 123 -27.02 -11.58 10.81
C ALA B 123 -26.61 -10.14 11.04
N PHE B 124 -25.31 -9.90 11.23
CA PHE B 124 -24.75 -8.56 11.41
C PHE B 124 -24.95 -7.73 10.15
N ASP B 125 -25.18 -6.42 10.32
CA ASP B 125 -25.35 -5.53 9.18
C ASP B 125 -24.00 -5.00 8.71
N TRP B 126 -23.49 -5.58 7.61
CA TRP B 126 -22.22 -5.18 7.01
C TRP B 126 -22.40 -4.14 5.90
N SER B 127 -23.67 -3.76 5.58
CA SER B 127 -23.96 -2.85 4.46
C SER B 127 -23.11 -1.54 4.43
N PRO B 128 -22.76 -0.83 5.54
CA PRO B 128 -21.91 0.38 5.40
C PRO B 128 -20.48 0.05 4.94
N VAL B 129 -19.95 -1.12 5.37
CA VAL B 129 -18.61 -1.58 4.98
C VAL B 129 -18.66 -2.01 3.51
N VAL B 130 -19.71 -2.77 3.13
CA VAL B 130 -19.89 -3.23 1.72
C VAL B 130 -19.96 -2.03 0.77
N THR B 131 -20.73 -1.00 1.14
CA THR B 131 -20.85 0.23 0.33
C THR B 131 -19.48 0.90 0.18
N TYR B 132 -18.71 0.96 1.28
CA TYR B 132 -17.38 1.55 1.26
C TYR B 132 -16.45 0.82 0.27
N VAL B 133 -16.49 -0.53 0.24
CA VAL B 133 -15.68 -1.32 -0.69
C VAL B 133 -16.17 -1.09 -2.12
N CYS B 134 -17.50 -1.01 -2.32
CA CYS B 134 -18.05 -0.75 -3.67
C CYS B 134 -17.52 0.57 -4.22
N ASP B 135 -17.41 1.59 -3.34
CA ASP B 135 -16.86 2.93 -3.68
C ASP B 135 -15.38 2.82 -4.05
N LEU B 136 -14.59 2.10 -3.22
CA LEU B 136 -13.14 1.89 -3.45
C LEU B 136 -12.90 1.32 -4.83
N GLU B 137 -13.71 0.32 -5.20
CA GLU B 137 -13.61 -0.45 -6.43
C GLU B 137 -14.18 0.24 -7.67
N GLY B 138 -14.60 1.50 -7.51
CA GLY B 138 -15.06 2.34 -8.59
C GLY B 138 -16.54 2.35 -8.87
N ASN B 139 -17.38 1.91 -7.91
CA ASN B 139 -18.85 1.87 -8.06
C ASN B 139 -19.29 1.09 -9.31
N ARG B 140 -18.62 -0.03 -9.58
CA ARG B 140 -18.93 -0.93 -10.70
C ARG B 140 -20.24 -1.67 -10.36
N VAL B 141 -20.44 -1.96 -9.07
CA VAL B 141 -21.59 -2.69 -8.53
C VAL B 141 -22.10 -2.00 -7.26
N LYS B 142 -23.33 -2.33 -6.85
CA LYS B 142 -23.94 -1.83 -5.62
C LYS B 142 -23.85 -2.93 -4.55
N GLY B 143 -24.13 -2.56 -3.31
CA GLY B 143 -24.04 -3.45 -2.16
C GLY B 143 -24.62 -4.84 -2.32
N PRO B 144 -25.89 -5.01 -2.74
CA PRO B 144 -26.45 -6.37 -2.87
C PRO B 144 -25.71 -7.30 -3.84
N GLU B 145 -25.23 -6.78 -4.98
CA GLU B 145 -24.47 -7.60 -5.94
C GLU B 145 -23.12 -8.06 -5.34
N LYS B 146 -22.41 -7.15 -4.64
CA LYS B 146 -21.15 -7.45 -3.97
C LYS B 146 -21.36 -8.56 -2.91
N GLU B 147 -22.43 -8.44 -2.10
CA GLU B 147 -22.73 -9.44 -1.07
C GLU B 147 -23.01 -10.80 -1.69
N GLU B 148 -23.78 -10.83 -2.80
CA GLU B 148 -24.08 -12.08 -3.48
C GLU B 148 -22.81 -12.74 -4.03
N LYS B 149 -21.88 -11.94 -4.57
CA LYS B 149 -20.61 -12.47 -5.07
C LYS B 149 -19.82 -13.12 -3.93
N LEU B 150 -19.79 -12.48 -2.74
CA LEU B 150 -19.08 -13.06 -1.61
C LEU B 150 -19.76 -14.35 -1.14
N ARG B 151 -21.10 -14.32 -1.01
CA ARG B 151 -21.85 -15.52 -0.57
C ARG B 151 -21.63 -16.70 -1.50
N GLN B 152 -21.56 -16.44 -2.81
CA GLN B 152 -21.31 -17.51 -3.79
C GLN B 152 -19.89 -18.04 -3.73
N ALA B 153 -18.91 -17.21 -3.32
CA ALA B 153 -17.52 -17.62 -3.25
C ALA B 153 -17.23 -18.48 -2.05
N VAL B 154 -17.91 -18.20 -0.93
CA VAL B 154 -17.63 -18.93 0.29
C VAL B 154 -18.23 -20.32 0.24
N LYS B 155 -17.37 -21.34 0.15
CA LYS B 155 -17.85 -22.72 0.01
C LYS B 155 -17.82 -23.56 1.27
N GLN B 156 -16.85 -23.31 2.18
CA GLN B 156 -16.72 -24.09 3.42
C GLN B 156 -16.40 -23.16 4.57
N VAL B 157 -16.87 -23.53 5.77
CA VAL B 157 -16.70 -22.78 7.03
C VAL B 157 -16.13 -23.83 7.99
N LEU B 158 -14.85 -23.70 8.34
CA LEU B 158 -14.12 -24.73 9.07
C LEU B 158 -13.46 -24.31 10.34
N LYS B 159 -13.35 -25.27 11.28
CA LYS B 159 -12.59 -25.09 12.51
C LYS B 159 -11.11 -25.11 12.13
N CYS B 160 -10.33 -24.25 12.77
N CYS B 160 -10.33 -24.22 12.77
CA CYS B 160 -8.89 -24.25 12.54
CA CYS B 160 -8.90 -24.09 12.52
C CYS B 160 -8.17 -23.93 13.83
C CYS B 160 -8.13 -23.81 13.80
N ASP B 161 -6.93 -24.39 13.93
CA ASP B 161 -6.06 -24.10 15.06
C ASP B 161 -4.69 -23.88 14.46
N VAL B 162 -4.25 -22.61 14.39
CA VAL B 162 -2.97 -22.31 13.78
C VAL B 162 -1.75 -22.92 14.48
N THR B 163 -1.88 -23.34 15.75
CA THR B 163 -0.75 -23.88 16.49
C THR B 163 -0.49 -25.35 16.14
N GLN B 164 -1.40 -25.98 15.35
CA GLN B 164 -1.27 -27.39 14.99
C GLN B 164 -0.62 -27.56 13.62
N SER B 165 0.21 -28.61 13.46
CA SER B 165 0.89 -28.92 12.18
C SER B 165 -0.12 -28.98 11.02
N GLN B 166 -1.33 -29.51 11.28
CA GLN B 166 -2.44 -29.56 10.33
C GLN B 166 -3.50 -28.62 10.92
N PRO B 167 -3.47 -27.32 10.57
CA PRO B 167 -4.43 -26.38 11.18
C PRO B 167 -5.89 -26.74 10.96
N LEU B 168 -6.21 -27.43 9.84
CA LEU B 168 -7.59 -27.80 9.54
C LEU B 168 -7.94 -29.21 10.00
N GLY B 169 -7.09 -29.77 10.84
CA GLY B 169 -7.33 -31.11 11.42
C GLY B 169 -7.41 -32.24 10.42
N ALA B 170 -8.51 -33.00 10.46
CA ALA B 170 -8.67 -34.12 9.53
C ALA B 170 -9.19 -33.69 8.15
N VAL B 171 -9.67 -32.43 8.02
CA VAL B 171 -10.28 -31.94 6.79
C VAL B 171 -9.24 -31.67 5.69
N PRO B 172 -9.36 -32.39 4.56
CA PRO B 172 -8.43 -32.15 3.45
C PRO B 172 -8.94 -31.03 2.53
N LEU B 173 -8.05 -30.16 2.12
CA LEU B 173 -8.40 -29.10 1.20
C LEU B 173 -7.35 -29.09 0.12
N PRO B 174 -7.69 -28.66 -1.11
CA PRO B 174 -6.64 -28.48 -2.13
C PRO B 174 -5.65 -27.40 -1.65
N PRO B 175 -4.35 -27.44 -2.07
CA PRO B 175 -3.42 -26.36 -1.68
C PRO B 175 -3.96 -25.03 -2.22
N ALA B 176 -3.94 -24.01 -1.37
CA ALA B 176 -4.50 -22.74 -1.76
C ALA B 176 -3.55 -21.88 -2.57
N ASP B 177 -4.12 -20.92 -3.33
CA ASP B 177 -3.31 -19.93 -4.04
C ASP B 177 -2.92 -18.78 -3.08
N CYS B 178 -3.72 -18.59 -2.02
CA CYS B 178 -3.45 -17.53 -1.04
C CYS B 178 -3.98 -17.95 0.32
N VAL B 179 -3.23 -17.63 1.38
CA VAL B 179 -3.67 -17.77 2.76
C VAL B 179 -3.66 -16.34 3.32
N LEU B 180 -4.81 -15.91 3.87
CA LEU B 180 -4.99 -14.56 4.42
C LEU B 180 -5.24 -14.68 5.91
N SER B 181 -4.64 -13.80 6.73
CA SER B 181 -4.94 -13.83 8.17
C SER B 181 -4.88 -12.43 8.71
N THR B 182 -6.05 -11.89 9.15
CA THR B 182 -6.12 -10.52 9.62
C THR B 182 -6.35 -10.52 11.13
N LEU B 183 -5.45 -9.86 11.89
CA LEU B 183 -5.57 -9.69 13.35
C LEU B 183 -5.77 -10.99 14.12
N CYS B 184 -5.16 -12.07 13.67
CA CYS B 184 -5.30 -13.37 14.30
C CYS B 184 -4.01 -13.85 14.94
N LEU B 185 -2.90 -13.84 14.16
CA LEU B 185 -1.71 -14.50 14.68
C LEU B 185 -1.15 -13.93 15.95
N ASP B 186 -1.19 -12.61 16.13
CA ASP B 186 -0.68 -12.05 17.37
C ASP B 186 -1.54 -12.49 18.56
N ALA B 187 -2.82 -12.73 18.33
CA ALA B 187 -3.72 -13.13 19.42
C ALA B 187 -3.51 -14.65 19.71
N ALA B 188 -3.16 -15.42 18.68
CA ALA B 188 -3.08 -16.89 18.82
C ALA B 188 -1.73 -17.45 19.36
N CYS B 189 -0.68 -16.65 19.36
CA CYS B 189 0.68 -17.11 19.63
C CYS B 189 1.26 -16.52 20.89
N PRO B 190 1.64 -17.35 21.89
CA PRO B 190 2.16 -16.78 23.16
C PRO B 190 3.58 -16.25 23.13
N ASP B 191 4.37 -16.67 22.14
CA ASP B 191 5.75 -16.25 22.02
C ASP B 191 6.18 -16.28 20.58
N LEU B 192 7.37 -15.72 20.29
CA LEU B 192 7.91 -15.64 18.96
C LEU B 192 8.18 -17.04 18.33
N PRO B 193 8.75 -18.04 19.04
CA PRO B 193 8.87 -19.39 18.43
C PRO B 193 7.51 -19.96 17.99
N THR B 194 6.43 -19.78 18.80
CA THR B 194 5.10 -20.25 18.38
C THR B 194 4.59 -19.48 17.15
N TYR B 195 4.86 -18.16 17.08
CA TYR B 195 4.47 -17.36 15.92
C TYR B 195 5.15 -17.90 14.64
N CYS B 196 6.45 -18.20 14.69
CA CYS B 196 7.15 -18.75 13.55
C CYS B 196 6.58 -20.13 13.21
N ARG B 197 6.29 -21.00 14.22
CA ARG B 197 5.65 -22.32 13.94
C ARG B 197 4.28 -22.10 13.27
N ALA B 198 3.49 -21.11 13.74
CA ALA B 198 2.18 -20.89 13.13
C ALA B 198 2.31 -20.51 11.66
N LEU B 199 3.31 -19.66 11.31
CA LEU B 199 3.54 -19.30 9.91
C LEU B 199 3.86 -20.56 9.10
N ARG B 200 4.64 -21.48 9.68
CA ARG B 200 4.95 -22.72 8.97
C ARG B 200 3.69 -23.56 8.79
N ASN B 201 2.83 -23.62 9.82
CA ASN B 201 1.61 -24.40 9.75
C ASN B 201 0.66 -23.82 8.69
N LEU B 202 0.57 -22.49 8.59
CA LEU B 202 -0.27 -21.87 7.54
C LEU B 202 0.31 -22.22 6.17
N GLY B 203 1.63 -22.31 6.11
CA GLY B 203 2.35 -22.60 4.88
C GLY B 203 2.00 -23.98 4.34
N SER B 204 1.66 -24.92 5.25
CA SER B 204 1.28 -26.26 4.83
C SER B 204 -0.01 -26.27 3.99
N LEU B 205 -0.79 -25.17 4.07
CA LEU B 205 -2.06 -25.05 3.34
C LEU B 205 -1.88 -24.37 2.01
N LEU B 206 -0.67 -23.88 1.73
CA LEU B 206 -0.38 -23.05 0.59
C LEU B 206 0.41 -23.81 -0.47
N LYS B 207 0.12 -23.52 -1.74
CA LYS B 207 0.93 -24.08 -2.81
C LYS B 207 2.30 -23.39 -2.88
N PRO B 208 3.36 -24.08 -3.39
CA PRO B 208 4.64 -23.38 -3.58
C PRO B 208 4.40 -22.16 -4.47
N GLY B 209 4.99 -21.03 -4.12
CA GLY B 209 4.76 -19.81 -4.89
C GLY B 209 3.46 -19.11 -4.56
N GLY B 210 2.64 -19.72 -3.68
CA GLY B 210 1.38 -19.14 -3.23
C GLY B 210 1.65 -17.95 -2.34
N PHE B 211 0.65 -17.11 -2.16
CA PHE B 211 0.84 -15.88 -1.41
C PHE B 211 0.32 -15.96 0.01
N LEU B 212 1.05 -15.39 0.96
CA LEU B 212 0.62 -15.26 2.35
C LEU B 212 0.36 -13.77 2.55
N VAL B 213 -0.84 -13.43 3.04
CA VAL B 213 -1.20 -12.03 3.27
C VAL B 213 -1.53 -11.93 4.78
N ILE B 214 -0.75 -11.12 5.52
CA ILE B 214 -0.98 -10.98 6.96
C ILE B 214 -1.16 -9.51 7.28
N MET B 215 -2.13 -9.16 8.12
CA MET B 215 -2.29 -7.78 8.62
C MET B 215 -2.50 -7.93 10.09
N ASP B 216 -1.81 -7.09 10.91
CA ASP B 216 -1.98 -7.22 12.38
C ASP B 216 -1.44 -5.99 13.02
N ALA B 217 -1.72 -5.90 14.31
CA ALA B 217 -1.27 -4.78 15.11
C ALA B 217 0.21 -4.92 15.46
N LEU B 218 0.90 -3.78 15.53
CA LEU B 218 2.27 -3.76 15.98
C LEU B 218 2.37 -3.41 17.45
N LYS B 219 3.26 -4.11 18.18
CA LYS B 219 3.62 -3.84 19.57
C LYS B 219 2.42 -3.77 20.50
N SER B 220 1.43 -4.64 20.24
CA SER B 220 0.20 -4.72 21.02
C SER B 220 0.32 -5.90 22.01
N SER B 221 0.06 -5.68 23.31
CA SER B 221 0.14 -6.78 24.29
C SER B 221 -1.24 -7.24 24.77
N TYR B 222 -2.30 -6.53 24.35
CA TYR B 222 -3.68 -6.92 24.64
C TYR B 222 -4.66 -6.19 23.75
N TYR B 223 -5.89 -6.68 23.72
CA TYR B 223 -7.03 -5.99 23.14
C TYR B 223 -8.25 -6.32 23.98
N MET B 224 -9.21 -5.41 24.01
CA MET B 224 -10.42 -5.51 24.82
C MET B 224 -11.66 -5.74 23.99
N ILE B 225 -12.62 -6.49 24.53
CA ILE B 225 -13.95 -6.55 23.94
C ILE B 225 -14.81 -6.18 25.15
N GLY B 226 -15.13 -4.89 25.29
CA GLY B 226 -15.82 -4.42 26.48
C GLY B 226 -14.87 -4.57 27.64
N GLU B 227 -15.30 -5.22 28.70
CA GLU B 227 -14.45 -5.42 29.86
C GLU B 227 -13.57 -6.68 29.75
N GLN B 228 -13.78 -7.52 28.71
CA GLN B 228 -12.99 -8.73 28.51
C GLN B 228 -11.64 -8.44 27.88
N LYS B 229 -10.57 -8.79 28.58
CA LYS B 229 -9.22 -8.63 28.06
C LYS B 229 -8.75 -9.92 27.36
N PHE B 230 -8.03 -9.77 26.26
CA PHE B 230 -7.41 -10.89 25.53
C PHE B 230 -5.97 -10.50 25.31
N SER B 231 -5.04 -11.44 25.52
CA SER B 231 -3.62 -11.20 25.29
C SER B 231 -3.30 -11.03 23.83
N SER B 232 -2.20 -10.36 23.55
CA SER B 232 -1.66 -10.26 22.21
C SER B 232 -0.15 -10.33 22.30
N LEU B 233 0.50 -10.91 21.30
CA LEU B 233 1.97 -10.98 21.25
C LEU B 233 2.48 -9.64 20.74
N PRO B 234 3.29 -8.91 21.51
CA PRO B 234 3.72 -7.59 21.05
C PRO B 234 4.94 -7.72 20.14
N LEU B 235 4.69 -7.78 18.86
CA LEU B 235 5.80 -7.85 17.90
C LEU B 235 5.99 -6.55 17.19
N GLY B 236 7.25 -6.20 16.98
CA GLY B 236 7.64 -5.08 16.15
C GLY B 236 7.81 -5.52 14.72
N ARG B 237 7.92 -4.56 13.82
CA ARG B 237 8.03 -4.86 12.39
C ARG B 237 9.23 -5.75 12.06
N GLU B 238 10.35 -5.55 12.77
CA GLU B 238 11.56 -6.34 12.47
C GLU B 238 11.35 -7.81 12.82
N ALA B 239 10.70 -8.06 13.97
CA ALA B 239 10.47 -9.46 14.39
C ALA B 239 9.48 -10.17 13.47
N VAL B 240 8.47 -9.44 12.96
CA VAL B 240 7.47 -10.01 12.05
C VAL B 240 8.17 -10.43 10.73
N GLU B 241 8.93 -9.49 10.15
CA GLU B 241 9.63 -9.75 8.91
C GLU B 241 10.59 -10.92 9.11
N ALA B 242 11.36 -10.94 10.23
CA ALA B 242 12.31 -12.04 10.46
C ALA B 242 11.60 -13.40 10.59
N ALA B 243 10.45 -13.45 11.26
CA ALA B 243 9.72 -14.72 11.43
C ALA B 243 9.18 -15.25 10.11
N VAL B 244 8.70 -14.35 9.24
CA VAL B 244 8.18 -14.76 7.94
C VAL B 244 9.34 -15.36 7.11
N LYS B 245 10.54 -14.72 7.10
CA LYS B 245 11.69 -15.31 6.36
C LYS B 245 12.13 -16.64 7.00
N GLU B 246 12.11 -16.74 8.36
CA GLU B 246 12.50 -17.97 9.07
C GLU B 246 11.55 -19.13 8.67
N ALA B 247 10.25 -18.81 8.51
CA ALA B 247 9.21 -19.79 8.19
C ALA B 247 9.17 -20.23 6.73
N GLY B 248 10.09 -19.71 5.90
CA GLY B 248 10.22 -20.16 4.51
C GLY B 248 9.44 -19.41 3.46
N TYR B 249 9.32 -18.08 3.65
CA TYR B 249 8.64 -17.26 2.67
C TYR B 249 9.60 -16.18 2.22
N THR B 250 9.28 -15.55 1.09
CA THR B 250 10.02 -14.34 0.66
C THR B 250 9.08 -13.18 0.79
N ILE B 251 9.57 -12.03 1.28
CA ILE B 251 8.71 -10.88 1.43
C ILE B 251 8.56 -10.13 0.12
N GLU B 252 7.31 -9.87 -0.34
CA GLU B 252 7.04 -9.12 -1.59
C GLU B 252 6.86 -7.67 -1.20
N TRP B 253 5.99 -7.44 -0.21
CA TRP B 253 5.91 -6.10 0.31
C TRP B 253 5.52 -6.03 1.73
N PHE B 254 5.89 -4.89 2.35
CA PHE B 254 5.65 -4.74 3.76
C PHE B 254 5.31 -3.26 4.00
N GLU B 255 4.19 -3.00 4.68
CA GLU B 255 3.79 -1.62 4.96
C GLU B 255 3.49 -1.46 6.42
N VAL B 256 3.90 -0.34 6.98
CA VAL B 256 3.58 0.02 8.36
C VAL B 256 2.75 1.29 8.30
N ILE B 257 1.65 1.32 9.09
CA ILE B 257 0.76 2.48 9.20
C ILE B 257 0.81 2.93 10.67
N SER B 258 0.89 4.23 10.91
N SER B 258 0.87 4.23 10.90
CA SER B 258 1.02 4.74 12.27
CA SER B 258 1.03 4.77 12.26
C SER B 258 -0.23 4.63 13.10
C SER B 258 -0.24 4.77 13.10
N GLN B 259 -1.41 4.72 12.44
CA GLN B 259 -2.74 4.71 13.11
C GLN B 259 -2.87 3.56 14.10
N SER B 260 -3.31 3.87 15.33
CA SER B 260 -3.48 2.91 16.40
C SER B 260 -4.93 2.82 16.81
N TYR B 261 -5.28 1.74 17.52
CA TYR B 261 -6.64 1.65 18.05
C TYR B 261 -6.85 2.65 19.18
N SER B 262 -8.11 2.83 19.60
CA SER B 262 -8.38 3.70 20.73
C SER B 262 -7.65 3.16 21.98
N SER B 263 -7.15 4.05 22.83
CA SER B 263 -6.42 3.72 24.07
C SER B 263 -7.19 2.77 25.00
N THR B 264 -8.53 2.80 24.94
CA THR B 264 -9.44 1.98 25.73
C THR B 264 -9.63 0.58 25.13
N MET B 265 -9.17 0.38 23.88
CA MET B 265 -9.33 -0.88 23.14
C MET B 265 -8.06 -1.74 23.13
N ALA B 266 -6.89 -1.13 22.88
CA ALA B 266 -5.63 -1.85 22.76
C ALA B 266 -4.48 -0.89 22.98
N ASN B 267 -3.26 -1.40 23.13
CA ASN B 267 -2.09 -0.58 23.38
C ASN B 267 -1.07 -0.67 22.21
N ASN B 268 -1.55 -0.81 20.99
CA ASN B 268 -0.66 -0.95 19.82
C ASN B 268 -0.01 0.35 19.40
N GLU B 269 1.06 0.20 18.60
CA GLU B 269 1.81 1.29 17.98
C GLU B 269 1.71 1.04 16.47
N GLY B 270 0.53 1.27 15.91
CA GLY B 270 0.32 1.10 14.48
C GLY B 270 -0.05 -0.31 14.07
N LEU B 271 0.00 -0.53 12.75
CA LEU B 271 -0.34 -1.82 12.17
C LEU B 271 0.56 -2.07 11.01
N PHE B 272 0.62 -3.33 10.62
CA PHE B 272 1.38 -3.67 9.42
C PHE B 272 0.52 -4.51 8.51
N SER B 273 0.94 -4.54 7.23
CA SER B 273 0.37 -5.41 6.22
C SER B 273 1.56 -5.98 5.44
N LEU B 274 1.51 -7.26 5.17
CA LEU B 274 2.55 -7.83 4.36
C LEU B 274 2.02 -8.83 3.40
N VAL B 275 2.76 -8.94 2.30
CA VAL B 275 2.46 -9.92 1.28
C VAL B 275 3.79 -10.70 1.13
N ALA B 276 3.73 -12.02 1.27
CA ALA B 276 4.90 -12.87 1.14
C ALA B 276 4.57 -14.02 0.20
N ARG B 277 5.58 -14.71 -0.29
CA ARG B 277 5.34 -15.87 -1.17
C ARG B 277 6.04 -17.08 -0.59
N LYS B 278 5.39 -18.24 -0.61
CA LYS B 278 6.00 -19.44 -0.07
C LYS B 278 7.12 -19.94 -1.01
N LEU B 279 8.30 -20.28 -0.47
CA LEU B 279 9.38 -20.87 -1.27
C LEU B 279 8.98 -22.22 -1.89
C1 A1ISI C . 16.52 2.93 -11.16
C2 A1ISI C . 17.20 3.48 -10.11
C3 A1ISI C . 15.71 3.67 -11.99
C7 A1ISI C . 17.69 6.89 -8.62
C8 A1ISI C . 16.88 7.52 -9.48
C9 A1ISI C . 17.83 5.44 -8.82
C10 A1ISI C . 13.75 4.96 -13.10
C4 A1ISI C . 17.08 4.86 -9.91
C5 A1ISI C . 16.27 5.61 -10.73
C6 A1ISI C . 15.58 5.03 -11.75
O11 A1ISI C . 18.56 4.74 -8.13
O12 A1ISI C . 16.15 6.98 -10.53
O13 A1ISI C . 14.76 5.78 -12.55
N SAM D . 10.18 11.70 -11.53
CA SAM D . 10.59 11.00 -12.77
C SAM D . 10.21 9.47 -12.69
O SAM D . 9.52 9.12 -11.70
OXT SAM D . 10.62 8.71 -13.61
CB SAM D . 12.11 11.20 -13.10
CG SAM D . 13.13 10.53 -12.15
SD SAM D . 14.77 10.66 -12.98
CE SAM D . 15.58 9.22 -12.51
C5' SAM D . 15.67 11.82 -11.92
C4' SAM D . 15.23 13.28 -12.15
O4' SAM D . 15.91 14.08 -11.15
C3' SAM D . 15.66 13.84 -13.51
O3' SAM D . 14.54 14.34 -14.24
C2' SAM D . 16.68 14.93 -13.13
O2' SAM D . 16.74 16.00 -14.05
C1' SAM D . 16.18 15.33 -11.74
N9 SAM D . 17.17 16.02 -10.92
C8 SAM D . 18.49 15.73 -10.72
N7 SAM D . 19.12 16.53 -9.90
C5 SAM D . 18.13 17.41 -9.49
C6 SAM D . 18.13 18.51 -8.60
N6 SAM D . 19.21 18.92 -7.93
N1 SAM D . 16.97 19.15 -8.39
C2 SAM D . 15.89 18.77 -9.07
N3 SAM D . 15.75 17.76 -9.94
C4 SAM D . 16.93 17.11 -10.10
C1 A1ISI E . -6.52 -4.42 18.58
C2 A1ISI E . -5.42 -5.22 18.79
C3 A1ISI E . -7.67 -4.88 18.00
C7 A1ISI E . -4.47 -8.79 18.26
C8 A1ISI E . -5.63 -9.11 17.69
C9 A1ISI E . -4.34 -7.38 18.64
C10 A1ISI E . -9.58 -5.74 16.34
C4 A1ISI E . -5.50 -6.54 18.39
C5 A1ISI E . -6.64 -7.01 17.78
C6 A1ISI E . -7.73 -6.20 17.60
O11 A1ISI E . -3.35 -6.92 19.19
O12 A1ISI E . -6.74 -8.35 17.44
O13 A1ISI E . -8.86 -6.74 17.02
N SAM F . -9.95 -11.92 11.38
CA SAM F . -10.91 -11.19 12.24
C SAM F . -10.69 -9.65 12.12
O SAM F . -9.92 -9.30 11.19
OXT SAM F . -11.31 -8.89 12.91
CB SAM F . -10.91 -11.67 13.72
CG SAM F . -9.64 -11.32 14.53
SD SAM F . -9.94 -11.66 16.31
CE SAM F . -9.01 -10.43 17.12
C5' SAM F . -8.82 -13.05 16.60
C4' SAM F . -9.35 -14.37 16.08
O4' SAM F . -8.31 -15.33 16.34
C3' SAM F . -10.60 -14.88 16.81
O3' SAM F . -11.63 -15.07 15.84
C2' SAM F . -10.12 -16.16 17.50
O2' SAM F . -11.12 -17.17 17.59
C1' SAM F . -8.97 -16.55 16.59
N9 SAM F . -8.01 -17.50 17.19
C8 SAM F . -7.45 -17.47 18.44
N7 SAM F . -6.62 -18.46 18.65
C5 SAM F . -6.64 -19.17 17.46
C6 SAM F . -5.98 -20.35 17.05
N6 SAM F . -5.14 -21.05 17.84
N1 SAM F . -6.20 -20.79 15.79
C2 SAM F . -7.07 -20.13 15.02
N3 SAM F . -7.77 -19.03 15.32
C4 SAM F . -7.49 -18.60 16.56
#